data_3GZ5
#
_entry.id   3GZ5
#
_cell.length_a   75.157
_cell.length_b   75.157
_cell.length_c   172.511
_cell.angle_alpha   90.00
_cell.angle_beta   90.00
_cell.angle_gamma   120.00
#
_symmetry.space_group_name_H-M   'P 32 2 1'
#
loop_
_entity.id
_entity.type
_entity.pdbx_description
1 polymer 'MutT/nudix family protein'
2 non-polymer 'SODIUM ION'
3 water water
#
_entity_poly.entity_id   1
_entity_poly.type   'polypeptide(L)'
_entity_poly.pdbx_seq_one_letter_code
;GSHMTEAEYLANYDPKAFKAQLLTVDAVLFTYHDQQLKVLLVQRSNHPFLGLWGLPGGFIDETCDESLEQTVLRKLAEKT
AVVPPYIEQLCTVGNNSRDARGWSVTVCYTALMSYQACQIQIASVSDVKWWPLADVLQMPLAFDHLQLIEQARERLTQKA
LYSLVPGFALSEPFTLPELQHVHEVLLGKPIQGKSFRRRVEQADLLIDTGLKRTERGRPANLYCLKPDTASYRFLRNLEC
;
_entity_poly.pdbx_strand_id   A,B
#
loop_
_chem_comp.id
_chem_comp.type
_chem_comp.name
_chem_comp.formula
NA non-polymer 'SODIUM ION' 'Na 1'
#
# COMPACT_ATOMS: atom_id res chain seq x y z
N GLN A 21 -11.67 -2.34 19.66
CA GLN A 21 -12.01 -2.95 18.34
C GLN A 21 -11.42 -4.37 18.23
N LEU A 22 -12.26 -5.33 17.82
CA LEU A 22 -11.89 -6.62 17.25
C LEU A 22 -10.76 -6.38 16.24
N LEU A 23 -9.61 -7.00 16.48
CA LEU A 23 -8.43 -6.71 15.69
C LEU A 23 -7.82 -8.03 15.21
N THR A 24 -7.77 -8.19 13.88
CA THR A 24 -7.26 -9.40 13.29
C THR A 24 -6.27 -9.07 12.15
N VAL A 25 -5.60 -10.12 11.66
CA VAL A 25 -4.83 -10.07 10.44
C VAL A 25 -5.38 -11.18 9.56
N ASP A 26 -5.43 -10.95 8.27
CA ASP A 26 -5.88 -11.93 7.26
C ASP A 26 -4.83 -12.03 6.16
N ALA A 27 -4.84 -13.14 5.42
CA ALA A 27 -3.99 -13.31 4.26
C ALA A 27 -4.76 -13.86 3.10
N VAL A 28 -4.51 -13.27 1.93
CA VAL A 28 -5.00 -13.80 0.67
C VAL A 28 -3.80 -14.45 0.04
N LEU A 29 -3.81 -15.76 0.02
CA LEU A 29 -2.72 -16.55 -0.49
C LEU A 29 -3.07 -17.13 -1.87
N PHE A 30 -2.27 -16.79 -2.87
CA PHE A 30 -2.51 -17.24 -4.23
C PHE A 30 -1.48 -18.26 -4.62
N THR A 31 -1.88 -19.13 -5.55
CA THR A 31 -0.96 -19.97 -6.28
C THR A 31 -1.43 -20.16 -7.72
N TYR A 32 -0.58 -20.78 -8.50
CA TYR A 32 -0.88 -21.00 -9.89
C TYR A 32 -0.77 -22.49 -10.18
N HIS A 33 -1.87 -23.06 -10.62
CA HIS A 33 -1.97 -24.50 -10.83
C HIS A 33 -3.12 -24.78 -11.82
N ASP A 34 -2.95 -25.81 -12.66
CA ASP A 34 -3.94 -26.12 -13.72
C ASP A 34 -4.25 -24.89 -14.59
N GLN A 35 -3.22 -24.18 -15.04
CA GLN A 35 -3.45 -23.01 -15.91
C GLN A 35 -4.40 -21.98 -15.31
N GLN A 36 -4.59 -22.03 -13.98
CA GLN A 36 -5.41 -21.03 -13.30
C GLN A 36 -4.87 -20.62 -11.93
N LEU A 37 -5.24 -19.40 -11.53
CA LEU A 37 -5.01 -18.90 -10.19
C LEU A 37 -5.92 -19.58 -9.18
N LYS A 38 -5.34 -20.05 -8.08
CA LYS A 38 -6.10 -20.54 -6.93
C LYS A 38 -5.93 -19.63 -5.71
N VAL A 39 -6.92 -19.66 -4.83
CA VAL A 39 -6.86 -18.92 -3.58
C VAL A 39 -7.16 -19.89 -2.41
N LEU A 40 -6.38 -19.79 -1.35
CA LEU A 40 -6.58 -20.65 -0.18
C LEU A 40 -7.75 -20.13 0.65
N LEU A 41 -8.71 -20.98 0.95
CA LEU A 41 -9.81 -20.61 1.83
C LEU A 41 -9.88 -21.59 2.98
N VAL A 42 -10.44 -21.12 4.07
CA VAL A 42 -10.53 -21.91 5.28
C VAL A 42 -11.99 -21.89 5.73
N GLN A 43 -12.56 -23.07 6.02
CA GLN A 43 -13.97 -23.12 6.43
C GLN A 43 -14.15 -22.79 7.91
N ARG A 44 -15.01 -21.83 8.23
CA ARG A 44 -15.20 -21.44 9.63
C ARG A 44 -15.86 -22.51 10.52
N SER A 45 -15.25 -22.80 11.66
CA SER A 45 -15.83 -23.76 12.61
C SER A 45 -16.57 -23.10 13.79
N ASN A 46 -16.44 -21.77 13.93
CA ASN A 46 -17.15 -20.97 14.96
C ASN A 46 -17.97 -19.83 14.38
N HIS A 47 -18.91 -19.32 15.18
CA HIS A 47 -19.75 -18.15 14.85
C HIS A 47 -18.92 -16.87 14.96
N PRO A 48 -19.35 -15.78 14.28
CA PRO A 48 -20.38 -15.75 13.23
C PRO A 48 -19.88 -16.35 11.92
N PHE A 49 -20.76 -16.40 10.92
CA PHE A 49 -20.52 -17.02 9.63
C PHE A 49 -19.98 -18.44 9.81
N LEU A 50 -20.43 -19.14 10.85
CA LEU A 50 -19.99 -20.52 11.07
C LEU A 50 -20.34 -21.35 9.83
N GLY A 51 -19.37 -22.12 9.32
CA GLY A 51 -19.58 -22.87 8.09
C GLY A 51 -19.33 -22.14 6.79
N LEU A 52 -19.12 -20.81 6.84
CA LEU A 52 -18.74 -20.07 5.61
C LEU A 52 -17.26 -20.21 5.29
N TRP A 53 -16.92 -20.21 4.01
CA TRP A 53 -15.49 -20.15 3.61
C TRP A 53 -14.96 -18.70 3.68
N GLY A 54 -13.67 -18.59 3.97
CA GLY A 54 -13.06 -17.30 4.17
C GLY A 54 -11.56 -17.41 4.28
N LEU A 55 -10.92 -16.26 4.52
CA LEU A 55 -9.48 -16.17 4.48
C LEU A 55 -8.92 -16.81 5.75
N PRO A 56 -7.70 -17.35 5.67
CA PRO A 56 -6.99 -17.63 6.92
C PRO A 56 -6.60 -16.32 7.64
N GLY A 57 -6.76 -16.29 8.96
CA GLY A 57 -6.50 -15.08 9.71
C GLY A 57 -7.02 -15.16 11.12
N GLY A 58 -6.79 -14.11 11.90
CA GLY A 58 -7.34 -14.07 13.24
C GLY A 58 -6.55 -13.16 14.15
N PHE A 59 -6.71 -13.39 15.44
CA PHE A 59 -6.19 -12.52 16.48
C PHE A 59 -4.70 -12.66 16.71
N ILE A 60 -4.08 -11.53 17.04
CA ILE A 60 -2.68 -11.48 17.49
C ILE A 60 -2.58 -12.28 18.79
N ASP A 61 -1.52 -13.05 18.93
CA ASP A 61 -1.21 -13.74 20.19
C ASP A 61 0.09 -13.12 20.70
N GLU A 62 -0.01 -12.22 21.67
CA GLU A 62 1.19 -11.52 22.21
C GLU A 62 2.24 -12.46 22.85
N THR A 63 1.85 -13.71 23.10
CA THR A 63 2.69 -14.75 23.69
C THR A 63 3.69 -15.38 22.68
N CYS A 64 3.39 -15.27 21.39
CA CYS A 64 4.27 -15.81 20.35
C CYS A 64 4.58 -14.86 19.19
N ASP A 65 3.79 -13.81 19.02
CA ASP A 65 3.97 -12.90 17.88
C ASP A 65 4.65 -11.64 18.34
N GLU A 66 5.74 -11.29 17.67
CA GLU A 66 6.43 -10.06 18.02
C GLU A 66 6.06 -8.92 17.10
N SER A 67 5.45 -9.26 15.97
CA SER A 67 5.01 -8.26 14.96
C SER A 67 3.79 -8.75 14.19
N LEU A 68 3.19 -7.87 13.40
CA LEU A 68 2.06 -8.24 12.53
C LEU A 68 2.43 -9.31 11.51
N GLU A 69 3.63 -9.20 10.94
CA GLU A 69 4.13 -10.20 9.98
C GLU A 69 4.26 -11.59 10.60
N GLN A 70 4.68 -11.65 11.87
CA GLN A 70 4.73 -12.92 12.57
C GLN A 70 3.32 -13.47 12.84
N THR A 71 2.38 -12.61 13.21
CA THR A 71 1.00 -13.04 13.31
C THR A 71 0.48 -13.69 12.01
N VAL A 72 0.61 -13.01 10.87
CA VAL A 72 0.04 -13.51 9.63
C VAL A 72 0.75 -14.77 9.12
N LEU A 73 2.07 -14.84 9.30
CA LEU A 73 2.82 -16.06 8.99
C LEU A 73 2.34 -17.23 9.85
N ARG A 74 2.05 -16.98 11.13
CA ARG A 74 1.54 -18.04 11.99
C ARG A 74 0.14 -18.50 11.51
N LYS A 75 -0.75 -17.52 11.28
CA LYS A 75 -2.10 -17.82 10.75
C LYS A 75 -2.07 -18.63 9.48
N LEU A 76 -1.14 -18.34 8.58
CA LEU A 76 -0.96 -19.15 7.38
C LEU A 76 -0.36 -20.52 7.65
N ALA A 77 0.66 -20.58 8.51
CA ALA A 77 1.36 -21.86 8.77
C ALA A 77 0.48 -22.84 9.52
N GLU A 78 -0.35 -22.32 10.40
CA GLU A 78 -1.36 -23.11 11.11
C GLU A 78 -2.28 -23.86 10.14
N LYS A 79 -2.42 -23.35 8.92
CA LYS A 79 -3.31 -23.95 7.92
C LYS A 79 -2.56 -24.70 6.83
N THR A 80 -1.40 -24.20 6.44
CA THR A 80 -0.68 -24.80 5.32
C THR A 80 0.47 -25.69 5.76
N ALA A 81 0.87 -25.56 7.02
CA ALA A 81 2.11 -26.15 7.53
C ALA A 81 3.40 -25.58 6.85
N VAL A 82 3.26 -24.56 6.00
CA VAL A 82 4.35 -23.99 5.19
C VAL A 82 4.41 -22.46 5.31
N VAL A 83 5.59 -21.92 5.55
CA VAL A 83 5.80 -20.48 5.48
C VAL A 83 5.94 -20.07 4.02
N PRO A 84 5.03 -19.22 3.51
CA PRO A 84 5.08 -18.86 2.08
C PRO A 84 6.39 -18.09 1.75
N PRO A 85 6.93 -18.27 0.52
CA PRO A 85 8.15 -17.54 0.14
C PRO A 85 7.93 -16.05 -0.08
N TYR A 86 6.67 -15.62 -0.18
CA TYR A 86 6.42 -14.20 -0.40
C TYR A 86 5.18 -13.78 0.33
N ILE A 87 5.27 -12.63 1.00
CA ILE A 87 4.17 -12.06 1.75
C ILE A 87 4.42 -10.58 1.75
N GLU A 88 3.36 -9.81 1.53
CA GLU A 88 3.40 -8.35 1.52
C GLU A 88 2.08 -7.80 2.08
N GLN A 89 2.19 -6.82 2.96
CA GLN A 89 1.00 -6.18 3.51
C GLN A 89 0.19 -5.51 2.42
N LEU A 90 -1.14 -5.67 2.50
CA LEU A 90 -2.04 -5.17 1.45
C LEU A 90 -2.78 -3.87 1.82
N CYS A 91 -3.50 -3.88 2.93
CA CYS A 91 -4.32 -2.74 3.35
C CYS A 91 -4.87 -3.12 4.70
N THR A 92 -5.37 -2.13 5.44
CA THR A 92 -6.06 -2.38 6.69
C THR A 92 -7.46 -1.85 6.48
N VAL A 93 -8.44 -2.71 6.76
CA VAL A 93 -9.84 -2.36 6.67
C VAL A 93 -10.35 -2.28 8.09
N GLY A 94 -11.13 -1.25 8.39
CA GLY A 94 -11.71 -1.09 9.71
C GLY A 94 -12.94 -0.23 9.56
N ASN A 95 -14.06 -0.74 10.06
CA ASN A 95 -15.33 -0.02 10.03
C ASN A 95 -16.33 -0.71 10.97
N ASN A 96 -17.52 -0.12 11.11
CA ASN A 96 -18.56 -0.64 11.98
C ASN A 96 -19.62 -1.43 11.20
N SER A 97 -19.35 -1.76 9.95
CA SER A 97 -20.33 -2.47 9.12
C SER A 97 -19.88 -3.82 8.55
N ARG A 98 -18.59 -4.16 8.62
CA ARG A 98 -18.14 -5.46 8.08
C ARG A 98 -18.38 -6.60 9.06
N ASP A 99 -18.64 -6.22 10.31
CA ASP A 99 -18.96 -7.17 11.35
C ASP A 99 -20.19 -6.70 12.13
N ALA A 100 -21.14 -7.60 12.34
CA ALA A 100 -22.41 -7.24 12.98
C ALA A 100 -22.27 -6.98 14.47
N ARG A 101 -21.24 -7.60 15.06
CA ARG A 101 -20.93 -7.45 16.48
C ARG A 101 -20.52 -6.01 16.81
N GLY A 102 -19.92 -5.32 15.84
CA GLY A 102 -19.51 -3.92 16.01
C GLY A 102 -18.30 -3.55 15.19
N TRP A 103 -17.51 -2.62 15.73
CA TRP A 103 -16.33 -2.09 15.09
C TRP A 103 -15.24 -3.15 15.01
N SER A 104 -14.68 -3.27 13.81
CA SER A 104 -13.81 -4.37 13.45
C SER A 104 -12.67 -3.86 12.56
N VAL A 105 -11.44 -4.27 12.88
CA VAL A 105 -10.27 -3.89 12.10
C VAL A 105 -9.50 -5.15 11.68
N THR A 106 -9.17 -5.25 10.39
CA THR A 106 -8.34 -6.35 9.89
C THR A 106 -7.20 -5.84 9.01
N VAL A 107 -5.96 -6.22 9.38
CA VAL A 107 -4.79 -5.96 8.59
C VAL A 107 -4.60 -7.11 7.60
N CYS A 108 -4.73 -6.80 6.32
CA CYS A 108 -4.67 -7.84 5.28
C CYS A 108 -3.31 -7.91 4.60
N TYR A 109 -2.88 -9.13 4.30
CA TYR A 109 -1.65 -9.40 3.54
C TYR A 109 -1.96 -10.15 2.25
N THR A 110 -1.08 -10.01 1.25
CA THR A 110 -1.06 -10.90 0.10
C THR A 110 0.13 -11.82 0.20
N ALA A 111 -0.02 -13.07 -0.23
CA ALA A 111 1.08 -14.03 -0.19
C ALA A 111 0.99 -14.93 -1.40
N LEU A 112 2.14 -15.48 -1.79
CA LEU A 112 2.25 -16.40 -2.91
C LEU A 112 3.08 -17.59 -2.49
N MET A 113 2.70 -18.76 -2.99
CA MET A 113 3.46 -19.96 -2.76
C MET A 113 3.13 -20.94 -3.87
N SER A 114 3.92 -21.99 -4.00
CA SER A 114 3.60 -23.01 -4.97
C SER A 114 2.53 -23.96 -4.45
N TYR A 115 1.73 -24.44 -5.39
CA TYR A 115 0.63 -25.35 -5.14
C TYR A 115 1.11 -26.58 -4.40
N GLN A 116 2.20 -27.16 -4.91
CA GLN A 116 2.66 -28.48 -4.53
C GLN A 116 3.25 -28.52 -3.13
N ALA A 117 3.76 -27.39 -2.68
CA ALA A 117 4.39 -27.30 -1.35
C ALA A 117 3.40 -27.50 -0.20
N CYS A 118 2.15 -27.12 -0.40
CA CYS A 118 1.15 -27.29 0.63
C CYS A 118 -0.07 -28.14 0.26
N GLN A 119 -0.27 -28.46 -1.02
CA GLN A 119 -1.38 -29.33 -1.42
C GLN A 119 -1.24 -30.69 -0.76
N ILE A 120 0.01 -31.18 -0.72
CA ILE A 120 0.34 -32.42 -0.04
C ILE A 120 0.02 -32.44 1.46
N GLN A 121 -0.30 -31.28 2.02
CA GLN A 121 -0.61 -31.14 3.45
C GLN A 121 -2.08 -30.83 3.68
N ILE A 122 -2.67 -30.04 2.80
CA ILE A 122 -4.05 -29.63 2.96
C ILE A 122 -5.04 -30.59 2.29
N ALA A 123 -4.51 -31.57 1.55
CA ALA A 123 -5.31 -32.63 0.94
C ALA A 123 -6.02 -33.41 2.04
N SER A 124 -5.32 -33.55 3.17
CA SER A 124 -5.76 -34.33 4.33
C SER A 124 -6.61 -33.58 5.33
N VAL A 125 -6.85 -32.28 5.10
CA VAL A 125 -7.59 -31.44 6.04
C VAL A 125 -8.86 -30.90 5.37
N SER A 126 -10.01 -31.16 6.00
CA SER A 126 -11.30 -30.91 5.38
C SER A 126 -11.71 -29.43 5.35
N ASP A 127 -11.14 -28.61 6.25
CA ASP A 127 -11.52 -27.20 6.41
C ASP A 127 -10.58 -26.20 5.73
N VAL A 128 -9.61 -26.67 4.96
CA VAL A 128 -8.66 -25.82 4.26
C VAL A 128 -8.56 -26.35 2.84
N LYS A 129 -8.69 -25.48 1.84
CA LYS A 129 -8.47 -25.92 0.46
C LYS A 129 -8.19 -24.78 -0.50
N TRP A 130 -7.43 -25.11 -1.56
CA TRP A 130 -7.25 -24.23 -2.71
C TRP A 130 -8.55 -24.23 -3.51
N TRP A 131 -9.04 -23.04 -3.83
CA TRP A 131 -10.21 -22.85 -4.67
C TRP A 131 -9.79 -22.08 -5.91
N PRO A 132 -10.43 -22.37 -7.08
CA PRO A 132 -10.34 -21.57 -8.32
C PRO A 132 -10.76 -20.13 -8.06
N LEU A 133 -9.88 -19.18 -8.37
CA LEU A 133 -10.15 -17.79 -8.05
C LEU A 133 -11.41 -17.31 -8.74
N ALA A 134 -11.58 -17.71 -9.99
CA ALA A 134 -12.71 -17.30 -10.79
C ALA A 134 -14.02 -17.73 -10.12
N ASP A 135 -14.01 -18.90 -9.49
CA ASP A 135 -15.18 -19.37 -8.74
C ASP A 135 -15.38 -18.61 -7.45
N VAL A 136 -14.27 -18.36 -6.73
CA VAL A 136 -14.31 -17.66 -5.46
C VAL A 136 -14.88 -16.24 -5.63
N LEU A 137 -14.50 -15.58 -6.71
CA LEU A 137 -14.99 -14.23 -7.00
C LEU A 137 -16.51 -14.13 -7.09
N GLN A 138 -17.17 -15.28 -7.25
CA GLN A 138 -18.62 -15.33 -7.31
C GLN A 138 -19.27 -15.93 -6.06
N MET A 139 -18.49 -16.20 -5.01
CA MET A 139 -19.00 -16.94 -3.85
C MET A 139 -19.42 -16.03 -2.71
N PRO A 140 -20.44 -16.43 -1.94
CA PRO A 140 -20.67 -15.86 -0.63
C PRO A 140 -19.60 -16.30 0.40
N LEU A 141 -18.85 -15.34 0.95
CA LEU A 141 -17.72 -15.66 1.85
C LEU A 141 -17.92 -14.98 3.19
N ALA A 142 -17.21 -15.46 4.21
CA ALA A 142 -17.27 -14.83 5.55
C ALA A 142 -16.94 -13.32 5.46
N PHE A 143 -17.70 -12.51 6.20
CA PHE A 143 -17.41 -11.07 6.40
C PHE A 143 -17.26 -10.36 5.06
N ASP A 144 -16.18 -9.59 4.91
CA ASP A 144 -15.93 -8.82 3.68
C ASP A 144 -14.75 -9.40 2.93
N HIS A 145 -14.54 -10.71 3.07
CA HIS A 145 -13.33 -11.35 2.53
C HIS A 145 -13.27 -11.35 1.00
N LEU A 146 -14.44 -11.28 0.36
CA LEU A 146 -14.51 -11.17 -1.10
C LEU A 146 -13.86 -9.87 -1.60
N GLN A 147 -14.20 -8.77 -0.94
CA GLN A 147 -13.60 -7.47 -1.20
C GLN A 147 -12.10 -7.50 -0.98
N LEU A 148 -11.66 -8.16 0.07
CA LEU A 148 -10.23 -8.31 0.36
C LEU A 148 -9.55 -9.08 -0.76
N ILE A 149 -10.16 -10.18 -1.18
CA ILE A 149 -9.64 -10.98 -2.29
C ILE A 149 -9.57 -10.16 -3.59
N GLU A 150 -10.63 -9.39 -3.89
CA GLU A 150 -10.65 -8.50 -5.08
C GLU A 150 -9.49 -7.49 -5.08
N GLN A 151 -9.26 -6.87 -3.92
CA GLN A 151 -8.22 -5.87 -3.82
C GLN A 151 -6.84 -6.50 -3.95
N ALA A 152 -6.67 -7.73 -3.42
CA ALA A 152 -5.39 -8.44 -3.56
C ALA A 152 -5.13 -8.86 -5.01
N ARG A 153 -6.19 -9.31 -5.69
CA ARG A 153 -6.11 -9.70 -7.09
C ARG A 153 -5.69 -8.47 -7.91
N GLU A 154 -6.35 -7.36 -7.67
CA GLU A 154 -5.96 -6.09 -8.31
C GLU A 154 -4.49 -5.72 -8.12
N ARG A 155 -4.02 -5.86 -6.88
CA ARG A 155 -2.65 -5.58 -6.49
C ARG A 155 -1.66 -6.50 -7.20
N LEU A 156 -2.03 -7.76 -7.35
CA LEU A 156 -1.21 -8.70 -8.11
C LEU A 156 -1.08 -8.32 -9.59
N THR A 157 -2.09 -7.66 -10.13
CA THR A 157 -1.99 -7.16 -11.52
C THR A 157 -0.83 -6.18 -11.68
N GLN A 158 -0.74 -5.22 -10.76
CA GLN A 158 0.41 -4.33 -10.67
C GLN A 158 1.76 -5.08 -10.54
N LYS A 159 1.83 -6.10 -9.70
CA LYS A 159 3.04 -6.94 -9.60
C LYS A 159 3.44 -7.53 -10.95
N ALA A 160 2.43 -7.90 -11.74
CA ALA A 160 2.67 -8.43 -13.07
C ALA A 160 3.19 -7.32 -13.99
N LEU A 161 2.79 -6.08 -13.75
CA LEU A 161 3.26 -4.98 -14.56
C LEU A 161 4.70 -4.53 -14.22
N TYR A 162 5.11 -4.62 -12.94
CA TYR A 162 6.33 -3.96 -12.46
C TYR A 162 7.39 -4.83 -11.75
N SER A 163 7.19 -6.14 -11.71
CA SER A 163 8.07 -7.00 -10.91
C SER A 163 8.03 -8.41 -11.48
N LEU A 164 8.87 -9.30 -10.94
CA LEU A 164 8.73 -10.73 -11.25
C LEU A 164 8.15 -11.52 -10.10
N VAL A 165 7.50 -10.81 -9.16
CA VAL A 165 6.92 -11.40 -7.95
C VAL A 165 5.94 -12.60 -8.24
N PRO A 166 5.15 -12.53 -9.34
CA PRO A 166 4.34 -13.70 -9.78
C PRO A 166 5.09 -15.04 -9.87
N GLY A 167 6.41 -15.01 -10.06
CA GLY A 167 7.22 -16.21 -10.00
C GLY A 167 7.13 -17.01 -8.69
N PHE A 168 6.81 -16.32 -7.59
CA PHE A 168 6.69 -16.98 -6.28
C PHE A 168 5.48 -17.93 -6.20
N ALA A 169 4.52 -17.75 -7.10
CA ALA A 169 3.36 -18.63 -7.23
C ALA A 169 3.67 -19.96 -7.95
N LEU A 170 4.92 -20.15 -8.38
CA LEU A 170 5.29 -21.32 -9.16
C LEU A 170 6.20 -22.25 -8.39
N SER A 171 6.10 -23.53 -8.71
CA SER A 171 7.04 -24.51 -8.21
C SER A 171 8.42 -24.15 -8.76
N GLU A 172 9.46 -24.24 -7.93
CA GLU A 172 10.85 -23.97 -8.31
C GLU A 172 11.57 -25.31 -8.51
N PRO A 173 12.33 -25.49 -9.60
CA PRO A 173 12.61 -24.51 -10.66
C PRO A 173 11.47 -24.45 -11.69
N PHE A 174 11.43 -23.40 -12.47
CA PHE A 174 10.36 -23.21 -13.45
C PHE A 174 10.96 -22.69 -14.74
N THR A 175 10.17 -22.71 -15.81
CA THR A 175 10.67 -22.26 -17.11
C THR A 175 10.17 -20.85 -17.39
N LEU A 176 10.83 -20.16 -18.32
CA LEU A 176 10.38 -18.81 -18.72
C LEU A 176 8.94 -18.75 -19.25
N PRO A 177 8.54 -19.67 -20.17
CA PRO A 177 7.15 -19.71 -20.63
C PRO A 177 6.14 -19.85 -19.49
N GLU A 178 6.43 -20.77 -18.58
CA GLU A 178 5.66 -20.94 -17.35
C GLU A 178 5.57 -19.61 -16.57
N LEU A 179 6.69 -18.89 -16.48
CA LEU A 179 6.71 -17.58 -15.81
C LEU A 179 5.91 -16.52 -16.57
N GLN A 180 6.15 -16.44 -17.89
CA GLN A 180 5.44 -15.50 -18.75
C GLN A 180 3.94 -15.71 -18.70
N HIS A 181 3.52 -16.96 -18.56
CA HIS A 181 2.10 -17.28 -18.57
C HIS A 181 1.33 -16.84 -17.31
N VAL A 182 1.91 -17.03 -16.12
CA VAL A 182 1.27 -16.48 -14.91
C VAL A 182 1.10 -14.95 -15.03
N HIS A 183 2.10 -14.27 -15.57
CA HIS A 183 1.97 -12.83 -15.82
C HIS A 183 0.78 -12.55 -16.76
N GLU A 184 0.69 -13.33 -17.86
CA GLU A 184 -0.42 -13.20 -18.82
C GLU A 184 -1.78 -13.42 -18.17
N VAL A 185 -1.91 -14.48 -17.36
CA VAL A 185 -3.14 -14.73 -16.59
C VAL A 185 -3.47 -13.54 -15.69
N LEU A 186 -2.49 -13.04 -14.95
CA LEU A 186 -2.68 -11.88 -14.08
C LEU A 186 -3.08 -10.65 -14.87
N LEU A 187 -2.43 -10.44 -16.01
CA LEU A 187 -2.68 -9.28 -16.85
C LEU A 187 -3.98 -9.40 -17.65
N GLY A 188 -4.40 -10.64 -17.91
CA GLY A 188 -5.63 -10.92 -18.67
C GLY A 188 -5.47 -10.80 -20.19
N LYS A 189 -4.24 -10.98 -20.68
CA LYS A 189 -3.92 -10.80 -22.09
C LYS A 189 -2.54 -11.35 -22.40
N PRO A 190 -2.31 -11.80 -23.65
CA PRO A 190 -0.98 -12.29 -24.03
C PRO A 190 0.06 -11.17 -23.95
N ILE A 191 1.33 -11.56 -24.04
CA ILE A 191 2.43 -10.64 -23.87
C ILE A 191 3.54 -11.03 -24.87
N GLN A 192 4.21 -10.01 -25.39
CA GLN A 192 5.33 -10.19 -26.34
C GLN A 192 6.45 -11.06 -25.72
N GLY A 193 6.58 -12.27 -26.23
CA GLY A 193 7.60 -13.22 -25.80
C GLY A 193 9.05 -12.76 -25.90
N LYS A 194 9.32 -11.71 -26.65
CA LYS A 194 10.70 -11.26 -26.84
C LYS A 194 11.06 -10.12 -25.89
N SER A 195 10.11 -9.20 -25.70
CA SER A 195 10.31 -8.07 -24.80
C SER A 195 10.27 -8.49 -23.31
N PHE A 196 9.52 -9.55 -22.98
CA PHE A 196 9.48 -10.13 -21.62
C PHE A 196 10.82 -10.74 -21.24
N ARG A 197 11.32 -11.60 -22.12
CA ARG A 197 12.56 -12.31 -21.89
C ARG A 197 13.73 -11.32 -21.80
N ARG A 198 13.69 -10.27 -22.62
CA ARG A 198 14.60 -9.15 -22.53
C ARG A 198 14.57 -8.47 -21.15
N ARG A 199 13.35 -8.13 -20.73
CA ARG A 199 13.03 -7.57 -19.41
C ARG A 199 13.60 -8.42 -18.27
N VAL A 200 13.27 -9.71 -18.30
CA VAL A 200 13.77 -10.70 -17.33
C VAL A 200 15.30 -10.79 -17.29
N GLU A 201 15.93 -10.83 -18.47
CA GLU A 201 17.38 -11.02 -18.52
C GLU A 201 18.19 -9.80 -18.08
N GLN A 202 17.67 -8.60 -18.34
CA GLN A 202 18.26 -7.37 -17.83
C GLN A 202 18.09 -7.18 -16.30
N ALA A 203 16.98 -7.70 -15.77
CA ALA A 203 16.68 -7.61 -14.34
C ALA A 203 17.66 -8.43 -13.52
N ASP A 204 18.08 -9.57 -14.07
CA ASP A 204 19.08 -10.43 -13.44
C ASP A 204 18.54 -11.10 -12.17
N LEU A 205 17.33 -11.62 -12.26
CA LEU A 205 16.60 -12.14 -11.09
C LEU A 205 16.47 -13.64 -11.07
N LEU A 206 16.78 -14.27 -12.19
CA LEU A 206 16.63 -15.71 -12.29
C LEU A 206 17.98 -16.38 -12.25
N ILE A 207 18.04 -17.49 -11.53
CA ILE A 207 19.21 -18.33 -11.52
C ILE A 207 18.95 -19.47 -12.48
N ASP A 208 19.81 -19.59 -13.48
CA ASP A 208 19.76 -20.72 -14.40
C ASP A 208 20.38 -21.93 -13.72
N THR A 209 19.56 -22.96 -13.54
CA THR A 209 20.01 -24.20 -12.90
C THR A 209 20.92 -25.02 -13.84
N GLY A 210 20.95 -24.66 -15.12
CA GLY A 210 21.66 -25.44 -16.15
C GLY A 210 20.90 -26.71 -16.49
N LEU A 211 19.73 -26.88 -15.89
CA LEU A 211 18.92 -28.09 -16.08
C LEU A 211 17.79 -27.77 -17.03
N LYS A 212 17.23 -28.79 -17.66
CA LYS A 212 16.29 -28.60 -18.73
C LYS A 212 15.01 -29.35 -18.45
N ARG A 213 13.91 -28.85 -19.00
CA ARG A 213 12.65 -29.58 -19.00
C ARG A 213 11.99 -29.44 -20.38
N THR A 214 11.44 -30.56 -20.87
CA THR A 214 10.61 -30.54 -22.09
C THR A 214 9.14 -30.46 -21.72
N PRO A 219 13.51 -28.83 -24.73
CA PRO A 219 14.56 -28.60 -23.72
C PRO A 219 14.64 -27.16 -23.20
N ALA A 220 13.59 -26.73 -22.50
CA ALA A 220 13.54 -25.37 -21.93
C ALA A 220 14.32 -25.29 -20.61
N ASN A 221 15.04 -24.18 -20.45
CA ASN A 221 15.74 -23.88 -19.22
C ASN A 221 14.86 -23.86 -17.96
N LEU A 222 15.42 -24.38 -16.87
CA LEU A 222 14.81 -24.31 -15.55
C LEU A 222 15.50 -23.27 -14.67
N TYR A 223 14.71 -22.42 -14.02
CA TYR A 223 15.23 -21.32 -13.25
C TYR A 223 14.69 -21.29 -11.82
N CYS A 224 15.48 -20.69 -10.92
CA CYS A 224 15.06 -20.36 -9.57
C CYS A 224 15.02 -18.83 -9.44
N LEU A 225 14.10 -18.32 -8.63
CA LEU A 225 14.12 -16.92 -8.25
C LEU A 225 15.26 -16.60 -7.31
N LYS A 226 15.90 -15.46 -7.54
CA LYS A 226 16.81 -14.89 -6.56
C LYS A 226 15.96 -14.29 -5.45
N PRO A 227 16.43 -14.39 -4.19
CA PRO A 227 15.72 -13.76 -3.04
C PRO A 227 15.35 -12.27 -3.26
N ASP A 228 16.22 -11.48 -3.88
CA ASP A 228 15.91 -10.06 -4.13
C ASP A 228 14.78 -9.81 -5.14
N THR A 229 14.27 -10.88 -5.76
CA THR A 229 13.03 -10.78 -6.58
C THR A 229 11.88 -10.10 -5.86
N ALA A 230 11.79 -10.31 -4.54
CA ALA A 230 10.72 -9.71 -3.73
C ALA A 230 10.73 -8.19 -3.78
N SER A 231 11.93 -7.62 -3.76
CA SER A 231 12.07 -6.18 -3.70
C SER A 231 12.38 -5.44 -5.02
N TYR A 232 12.86 -6.15 -6.05
CA TYR A 232 13.14 -5.47 -7.34
C TYR A 232 11.85 -5.02 -8.08
N ARG A 233 11.81 -3.74 -8.47
CA ARG A 233 10.73 -3.19 -9.31
C ARG A 233 11.28 -2.66 -10.61
N PHE A 234 10.56 -2.91 -11.71
CA PHE A 234 10.88 -2.32 -13.02
C PHE A 234 10.36 -0.89 -13.04
N LEU A 235 11.10 0.01 -13.67
CA LEU A 235 10.68 1.41 -13.83
C LEU A 235 9.57 1.52 -14.89
N ARG A 236 9.74 0.79 -15.99
CA ARG A 236 8.74 0.78 -17.05
C ARG A 236 7.80 -0.39 -16.83
N ASN A 237 6.52 -0.17 -17.11
CA ASN A 237 5.56 -1.24 -17.13
C ASN A 237 5.96 -2.27 -18.18
N LEU A 238 5.41 -3.46 -18.02
CA LEU A 238 5.55 -4.51 -19.01
C LEU A 238 4.69 -4.23 -20.27
N GLN B 21 -4.89 -4.74 22.32
CA GLN B 21 -3.79 -3.90 21.74
C GLN B 21 -4.14 -2.39 21.72
N LEU B 22 -3.09 -1.56 21.89
CA LEU B 22 -3.11 -0.11 21.62
C LEU B 22 -3.18 0.10 20.10
N LEU B 23 -4.30 0.66 19.66
CA LEU B 23 -4.63 0.75 18.25
C LEU B 23 -4.88 2.21 17.95
N THR B 24 -4.03 2.79 17.10
CA THR B 24 -4.17 4.18 16.72
C THR B 24 -4.17 4.36 15.20
N VAL B 25 -4.53 5.55 14.74
CA VAL B 25 -4.42 5.89 13.35
C VAL B 25 -3.52 7.13 13.33
N ASP B 26 -2.59 7.25 12.36
CA ASP B 26 -1.72 8.43 12.22
C ASP B 26 -1.70 8.88 10.76
N ALA B 27 -1.25 10.09 10.54
CA ALA B 27 -1.16 10.68 9.21
C ALA B 27 0.10 11.53 9.12
N VAL B 28 0.87 11.27 8.06
CA VAL B 28 1.89 12.18 7.57
C VAL B 28 1.25 13.09 6.51
N LEU B 29 0.93 14.31 6.92
CA LEU B 29 0.34 15.29 6.05
C LEU B 29 1.45 16.23 5.57
N PHE B 30 1.65 16.27 4.25
CA PHE B 30 2.63 17.14 3.60
C PHE B 30 1.96 18.29 2.92
N THR B 31 2.66 19.40 2.88
CA THR B 31 2.32 20.48 1.95
C THR B 31 3.61 20.95 1.27
N TYR B 32 3.48 21.92 0.39
CA TYR B 32 4.62 22.51 -0.24
C TYR B 32 4.57 24.02 -0.05
N HIS B 33 5.60 24.56 0.58
CA HIS B 33 5.65 26.00 0.81
C HIS B 33 7.09 26.50 0.93
N ASP B 34 7.37 27.60 0.22
CA ASP B 34 8.48 28.47 0.54
C ASP B 34 9.86 27.81 0.74
N GLN B 35 10.45 27.12 -0.23
CA GLN B 35 9.78 26.39 -1.29
C GLN B 35 10.30 24.96 -1.12
N GLN B 36 9.85 24.35 -0.02
CA GLN B 36 10.27 23.03 0.39
C GLN B 36 9.03 22.23 0.81
N LEU B 37 9.22 20.92 1.00
CA LEU B 37 8.23 20.08 1.64
C LEU B 37 8.15 20.42 3.10
N LYS B 38 6.93 20.61 3.59
CA LYS B 38 6.69 20.75 5.03
C LYS B 38 5.75 19.61 5.51
N VAL B 39 5.98 19.13 6.72
CA VAL B 39 5.18 18.05 7.34
C VAL B 39 4.49 18.61 8.61
N LEU B 40 3.20 18.34 8.75
CA LEU B 40 2.44 18.81 9.91
C LEU B 40 2.74 17.97 11.14
N LEU B 41 3.18 18.62 12.22
CA LEU B 41 3.51 17.93 13.46
C LEU B 41 2.77 18.50 14.67
N VAL B 42 2.63 17.66 15.69
CA VAL B 42 1.80 17.91 16.86
C VAL B 42 2.66 17.59 18.06
N GLN B 43 2.70 18.50 19.02
CA GLN B 43 3.50 18.27 20.21
C GLN B 43 2.72 17.45 21.22
N ARG B 44 3.37 16.41 21.75
CA ARG B 44 2.73 15.48 22.69
C ARG B 44 2.56 16.07 24.10
N SER B 45 1.32 16.46 24.40
CA SER B 45 0.93 16.93 25.73
C SER B 45 0.50 15.73 26.60
N ASN B 46 1.33 14.69 26.64
CA ASN B 46 0.88 13.38 27.10
C ASN B 46 2.01 12.36 27.15
N HIS B 47 2.20 11.75 28.31
CA HIS B 47 3.19 10.68 28.55
C HIS B 47 2.70 9.44 27.78
N PRO B 48 3.62 8.61 27.25
CA PRO B 48 5.08 8.65 27.22
C PRO B 48 5.59 9.67 26.17
N PHE B 49 6.87 9.56 25.78
CA PHE B 49 7.50 10.51 24.84
C PHE B 49 6.88 11.90 24.96
N LEU B 50 6.70 12.33 26.21
CA LEU B 50 6.02 13.59 26.52
C LEU B 50 6.83 14.81 26.03
N GLY B 51 6.11 15.86 25.63
CA GLY B 51 6.72 17.06 25.05
C GLY B 51 7.38 16.94 23.69
N LEU B 52 7.57 15.72 23.20
CA LEU B 52 8.18 15.51 21.88
C LEU B 52 7.18 15.76 20.76
N TRP B 53 7.69 16.06 19.56
CA TRP B 53 6.82 16.23 18.40
C TRP B 53 6.56 14.90 17.73
N GLY B 54 5.38 14.77 17.14
CA GLY B 54 5.00 13.55 16.45
C GLY B 54 3.82 13.79 15.53
N LEU B 55 3.46 12.75 14.80
CA LEU B 55 2.36 12.81 13.84
C LEU B 55 1.03 13.11 14.52
N PRO B 56 0.15 13.85 13.81
CA PRO B 56 -1.24 13.88 14.26
C PRO B 56 -1.83 12.47 14.12
N GLY B 57 -2.70 12.11 15.04
CA GLY B 57 -3.25 10.76 15.10
C GLY B 57 -3.74 10.39 16.48
N GLY B 58 -4.24 9.17 16.62
CA GLY B 58 -4.74 8.68 17.90
C GLY B 58 -5.85 7.66 17.74
N PHE B 59 -6.72 7.60 18.75
CA PHE B 59 -7.68 6.50 18.90
C PHE B 59 -8.93 6.64 18.05
N ILE B 60 -9.46 5.50 17.66
CA ILE B 60 -10.76 5.42 16.99
C ILE B 60 -11.83 5.87 18.02
N ASP B 61 -12.78 6.68 17.58
CA ASP B 61 -13.91 7.05 18.40
C ASP B 61 -15.16 6.48 17.72
N GLU B 62 -15.71 5.41 18.31
CA GLU B 62 -16.83 4.68 17.70
C GLU B 62 -18.13 5.48 17.62
N THR B 63 -18.20 6.57 18.37
CA THR B 63 -19.42 7.35 18.41
C THR B 63 -19.48 8.35 17.25
N CYS B 64 -18.35 8.55 16.56
CA CYS B 64 -18.34 9.45 15.42
C CYS B 64 -17.61 8.93 14.18
N ASP B 65 -16.70 7.97 14.35
CA ASP B 65 -15.98 7.35 13.23
C ASP B 65 -16.69 6.09 12.78
N GLU B 66 -17.01 6.00 11.50
CA GLU B 66 -17.62 4.79 10.93
C GLU B 66 -16.61 3.95 10.13
N SER B 67 -15.46 4.53 9.80
CA SER B 67 -14.38 3.83 9.10
C SER B 67 -13.03 4.41 9.57
N LEU B 68 -11.94 3.72 9.22
CA LEU B 68 -10.59 4.22 9.49
C LEU B 68 -10.28 5.54 8.80
N GLU B 69 -10.75 5.73 7.57
CA GLU B 69 -10.60 7.02 6.90
C GLU B 69 -11.29 8.15 7.66
N GLN B 70 -12.51 7.91 8.15
CA GLN B 70 -13.18 8.94 8.96
C GLN B 70 -12.37 9.23 10.23
N THR B 71 -11.80 8.21 10.84
CA THR B 71 -10.90 8.43 11.96
C THR B 71 -9.73 9.38 11.62
N VAL B 72 -9.00 9.11 10.55
CA VAL B 72 -7.85 9.93 10.20
C VAL B 72 -8.21 11.35 9.71
N LEU B 73 -9.37 11.51 9.09
CA LEU B 73 -9.82 12.82 8.61
C LEU B 73 -10.27 13.71 9.77
N ARG B 74 -10.93 13.09 10.76
CA ARG B 74 -11.23 13.75 12.01
C ARG B 74 -9.96 14.17 12.72
N LYS B 75 -8.99 13.27 12.88
CA LYS B 75 -7.74 13.66 13.57
C LYS B 75 -7.04 14.81 12.86
N LEU B 76 -7.11 14.85 11.53
CA LEU B 76 -6.51 15.97 10.80
C LEU B 76 -7.29 17.28 10.95
N ALA B 77 -8.62 17.19 10.92
CA ALA B 77 -9.50 18.35 11.02
C ALA B 77 -9.48 18.96 12.43
N GLU B 78 -9.23 18.13 13.44
CA GLU B 78 -9.05 18.57 14.84
C GLU B 78 -7.83 19.46 15.02
N LYS B 79 -6.91 19.38 14.05
CA LYS B 79 -5.66 20.12 14.06
C LYS B 79 -5.63 21.25 13.04
N THR B 80 -6.31 21.08 11.91
CA THR B 80 -6.18 21.99 10.77
C THR B 80 -7.46 22.75 10.45
N ALA B 81 -8.59 22.23 10.94
CA ALA B 81 -9.91 22.75 10.59
C ALA B 81 -10.32 22.52 9.12
N VAL B 82 -9.62 21.64 8.42
CA VAL B 82 -9.89 21.33 7.01
C VAL B 82 -9.75 19.83 6.80
N VAL B 83 -10.63 19.27 5.97
CA VAL B 83 -10.42 17.94 5.44
C VAL B 83 -9.45 18.07 4.24
N PRO B 84 -8.30 17.37 4.26
CA PRO B 84 -7.35 17.49 3.14
C PRO B 84 -7.94 16.93 1.84
N PRO B 85 -7.58 17.48 0.66
CA PRO B 85 -8.17 16.94 -0.56
C PRO B 85 -7.60 15.58 -0.97
N TYR B 86 -6.46 15.18 -0.42
CA TYR B 86 -5.88 13.89 -0.79
C TYR B 86 -5.41 13.12 0.44
N ILE B 87 -5.79 11.85 0.49
CA ILE B 87 -5.42 10.98 1.60
C ILE B 87 -5.40 9.53 1.12
N GLU B 88 -4.38 8.78 1.55
CA GLU B 88 -4.20 7.41 1.16
C GLU B 88 -3.48 6.68 2.27
N GLN B 89 -3.93 5.48 2.58
CA GLN B 89 -3.27 4.63 3.57
C GLN B 89 -1.83 4.30 3.13
N LEU B 90 -0.88 4.51 4.02
CA LEU B 90 0.52 4.19 3.79
C LEU B 90 0.87 2.73 4.19
N CYS B 91 0.68 2.43 5.47
CA CYS B 91 1.12 1.17 6.02
C CYS B 91 0.49 1.05 7.42
N THR B 92 0.53 -0.16 7.95
CA THR B 92 0.08 -0.45 9.32
C THR B 92 1.30 -1.04 9.98
N VAL B 93 1.77 -0.40 11.04
CA VAL B 93 2.89 -0.97 11.80
C VAL B 93 2.38 -1.51 13.14
N GLY B 94 2.82 -2.71 13.49
CA GLY B 94 2.42 -3.31 14.75
C GLY B 94 3.42 -4.32 15.25
N ASN B 95 3.90 -4.11 16.47
CA ASN B 95 4.86 -4.98 17.12
C ASN B 95 4.94 -4.66 18.62
N ASN B 96 5.82 -5.38 19.32
CA ASN B 96 5.84 -5.37 20.79
C ASN B 96 6.94 -4.47 21.35
N SER B 97 7.61 -3.74 20.46
CA SER B 97 8.78 -2.97 20.82
C SER B 97 8.67 -1.48 20.52
N ARG B 98 7.81 -1.08 19.57
CA ARG B 98 7.72 0.33 19.16
C ARG B 98 7.13 1.22 20.24
N ASP B 99 6.43 0.60 21.20
CA ASP B 99 5.75 1.37 22.24
C ASP B 99 5.92 0.70 23.60
N ALA B 100 6.30 1.54 24.56
CA ALA B 100 6.71 1.09 25.88
C ALA B 100 5.52 0.61 26.70
N ARG B 101 4.35 1.19 26.43
CA ARG B 101 3.12 0.81 27.12
C ARG B 101 2.59 -0.59 26.79
N GLY B 102 2.91 -1.10 25.61
CA GLY B 102 2.41 -2.44 25.20
C GLY B 102 2.60 -2.77 23.73
N TRP B 103 2.18 -3.96 23.34
CA TRP B 103 1.99 -4.28 21.94
C TRP B 103 1.12 -3.13 21.40
N SER B 104 1.52 -2.51 20.29
CA SER B 104 0.69 -1.47 19.68
C SER B 104 0.69 -1.54 18.16
N VAL B 105 -0.44 -1.14 17.58
CA VAL B 105 -0.64 -1.15 16.15
C VAL B 105 -1.03 0.24 15.70
N THR B 106 -0.39 0.75 14.67
CA THR B 106 -0.75 2.04 14.13
C THR B 106 -1.03 1.95 12.61
N VAL B 107 -2.21 2.41 12.21
CA VAL B 107 -2.57 2.50 10.81
C VAL B 107 -2.16 3.90 10.31
N CYS B 108 -1.17 3.92 9.43
CA CYS B 108 -0.56 5.17 8.96
C CYS B 108 -1.05 5.53 7.59
N TYR B 109 -1.40 6.82 7.43
CA TYR B 109 -1.88 7.42 6.20
C TYR B 109 -0.88 8.47 5.72
N THR B 110 -0.86 8.70 4.39
CA THR B 110 -0.25 9.89 3.80
C THR B 110 -1.34 10.85 3.36
N ALA B 111 -1.11 12.13 3.59
CA ALA B 111 -2.03 13.12 3.08
C ALA B 111 -1.31 14.31 2.45
N LEU B 112 -2.04 15.03 1.60
CA LEU B 112 -1.57 16.24 0.96
C LEU B 112 -2.62 17.33 0.99
N MET B 113 -2.19 18.54 1.30
CA MET B 113 -3.08 19.71 1.21
C MET B 113 -2.26 20.95 0.89
N SER B 114 -2.93 22.03 0.52
CA SER B 114 -2.21 23.28 0.33
C SER B 114 -1.94 23.98 1.66
N TYR B 115 -0.80 24.63 1.73
CA TYR B 115 -0.36 25.35 2.92
C TYR B 115 -1.32 26.44 3.44
N GLN B 116 -1.86 27.28 2.56
CA GLN B 116 -2.71 28.42 3.01
C GLN B 116 -4.17 28.04 3.30
N ALA B 117 -4.59 26.85 2.86
CA ALA B 117 -5.90 26.32 3.23
C ALA B 117 -6.07 26.20 4.74
N CYS B 118 -4.97 26.03 5.46
CA CYS B 118 -5.02 25.81 6.91
C CYS B 118 -4.01 26.60 7.77
N GLN B 119 -2.99 27.20 7.15
CA GLN B 119 -2.09 28.13 7.87
C GLN B 119 -2.87 29.34 8.44
N ILE B 120 -3.96 29.68 7.76
CA ILE B 120 -4.97 30.63 8.28
C ILE B 120 -5.65 30.20 9.61
N GLN B 121 -5.61 28.91 9.94
CA GLN B 121 -6.31 28.35 11.11
C GLN B 121 -5.36 27.65 12.09
N ILE B 122 -4.06 27.96 12.00
CA ILE B 122 -2.98 27.17 12.61
C ILE B 122 -1.84 28.06 13.13
N ALA B 123 -1.91 29.34 12.78
CA ALA B 123 -1.01 30.33 13.36
C ALA B 123 -1.31 30.41 14.86
N SER B 124 -2.60 30.52 15.15
CA SER B 124 -3.15 30.73 16.50
C SER B 124 -3.09 29.53 17.46
N VAL B 125 -2.21 28.56 17.17
CA VAL B 125 -2.14 27.30 17.91
C VAL B 125 -0.69 26.86 18.08
N SER B 126 -0.26 26.67 19.33
CA SER B 126 1.18 26.47 19.64
C SER B 126 1.69 25.02 19.69
N ASP B 127 0.80 24.05 19.74
CA ASP B 127 1.21 22.64 19.74
C ASP B 127 1.02 21.97 18.38
N VAL B 128 0.66 22.77 17.37
CA VAL B 128 0.54 22.33 15.96
C VAL B 128 1.32 23.26 15.02
N LYS B 129 2.27 22.69 14.28
CA LYS B 129 3.15 23.49 13.43
C LYS B 129 3.59 22.76 12.15
N TRP B 130 3.61 23.48 11.03
CA TRP B 130 4.25 23.00 9.80
C TRP B 130 5.77 23.08 9.95
N TRP B 131 6.44 21.93 9.82
CA TRP B 131 7.89 21.85 9.94
C TRP B 131 8.56 21.51 8.61
N PRO B 132 9.65 22.23 8.25
CA PRO B 132 10.47 21.81 7.11
C PRO B 132 10.92 20.35 7.25
N LEU B 133 10.71 19.57 6.21
CA LEU B 133 11.05 18.17 6.27
C LEU B 133 12.50 17.95 6.72
N ALA B 134 13.42 18.75 6.18
CA ALA B 134 14.85 18.65 6.52
C ALA B 134 15.07 18.79 8.01
N ASP B 135 14.42 19.78 8.61
CA ASP B 135 14.40 19.95 10.07
C ASP B 135 13.88 18.72 10.82
N VAL B 136 12.73 18.20 10.34
CA VAL B 136 12.09 17.03 10.94
C VAL B 136 13.02 15.81 10.95
N LEU B 137 13.71 15.57 9.85
CA LEU B 137 14.64 14.46 9.74
C LEU B 137 15.81 14.50 10.75
N GLN B 138 16.02 15.66 11.39
CA GLN B 138 17.02 15.79 12.47
C GLN B 138 16.40 16.00 13.86
N MET B 139 15.12 15.69 14.00
CA MET B 139 14.41 15.87 15.28
C MET B 139 14.23 14.55 16.04
N PRO B 140 14.03 14.63 17.38
CA PRO B 140 13.72 13.44 18.17
C PRO B 140 12.21 13.24 18.20
N LEU B 141 11.69 12.47 17.24
CA LEU B 141 10.24 12.34 17.12
C LEU B 141 9.75 11.22 18.03
N ALA B 142 8.58 11.43 18.63
CA ALA B 142 7.93 10.39 19.40
C ALA B 142 7.89 9.06 18.63
N PHE B 143 8.00 7.96 19.38
CA PHE B 143 7.86 6.62 18.90
C PHE B 143 8.72 6.35 17.67
N ASP B 144 8.09 5.80 16.63
CA ASP B 144 8.78 5.43 15.41
C ASP B 144 8.35 6.35 14.27
N HIS B 145 7.82 7.52 14.64
CA HIS B 145 7.24 8.47 13.70
C HIS B 145 8.20 9.03 12.64
N LEU B 146 9.48 9.13 12.98
CA LEU B 146 10.48 9.49 11.99
C LEU B 146 10.52 8.48 10.86
N GLN B 147 10.40 7.21 11.21
CA GLN B 147 10.46 6.12 10.27
C GLN B 147 9.22 6.12 9.36
N LEU B 148 8.05 6.39 9.94
CA LEU B 148 6.80 6.57 9.19
C LEU B 148 6.87 7.75 8.21
N ILE B 149 7.47 8.87 8.63
CA ILE B 149 7.73 10.03 7.76
C ILE B 149 8.62 9.68 6.56
N GLU B 150 9.73 9.00 6.83
CA GLU B 150 10.62 8.50 5.77
C GLU B 150 9.92 7.56 4.76
N GLN B 151 9.08 6.66 5.26
CA GLN B 151 8.28 5.81 4.40
C GLN B 151 7.27 6.63 3.55
N ALA B 152 6.56 7.58 4.18
CA ALA B 152 5.64 8.45 3.48
C ALA B 152 6.37 9.25 2.39
N ARG B 153 7.52 9.82 2.75
CA ARG B 153 8.34 10.62 1.84
C ARG B 153 8.81 9.83 0.61
N GLU B 154 9.15 8.57 0.84
CA GLU B 154 9.53 7.62 -0.19
C GLU B 154 8.37 7.22 -1.10
N ARG B 155 7.18 7.01 -0.53
CA ARG B 155 6.03 6.78 -1.39
C ARG B 155 5.66 8.00 -2.23
N LEU B 156 5.82 9.19 -1.67
CA LEU B 156 5.65 10.43 -2.42
C LEU B 156 6.56 10.53 -3.66
N THR B 157 7.80 10.10 -3.48
CA THR B 157 8.74 9.95 -4.59
C THR B 157 8.19 9.09 -5.73
N GLN B 158 7.61 7.91 -5.40
CA GLN B 158 6.94 7.08 -6.41
C GLN B 158 5.70 7.76 -7.01
N LYS B 159 4.95 8.48 -6.18
CA LYS B 159 3.83 9.25 -6.73
C LYS B 159 4.30 10.28 -7.77
N ALA B 160 5.44 10.94 -7.52
CA ALA B 160 6.02 11.91 -8.48
C ALA B 160 6.41 11.25 -9.80
N LEU B 161 6.68 9.95 -9.76
CA LEU B 161 7.11 9.18 -10.92
C LEU B 161 5.95 8.66 -11.78
N TYR B 162 4.83 8.36 -11.12
CA TYR B 162 3.74 7.67 -11.79
C TYR B 162 2.39 8.38 -11.74
N SER B 163 2.33 9.58 -11.17
CA SER B 163 1.06 10.32 -11.06
C SER B 163 1.26 11.83 -11.01
N LEU B 164 0.15 12.58 -10.88
CA LEU B 164 0.18 14.03 -10.61
C LEU B 164 -0.40 14.33 -9.24
N VAL B 165 -0.43 13.29 -8.39
CA VAL B 165 -0.76 13.40 -6.99
C VAL B 165 0.02 14.54 -6.27
N PRO B 166 1.33 14.78 -6.62
CA PRO B 166 1.91 15.97 -5.99
C PRO B 166 1.18 17.30 -6.20
N GLY B 167 0.31 17.42 -7.21
CA GLY B 167 -0.46 18.64 -7.35
C GLY B 167 -1.32 19.00 -6.16
N PHE B 168 -1.73 17.99 -5.37
CA PHE B 168 -2.56 18.22 -4.18
C PHE B 168 -1.89 19.02 -3.06
N ALA B 169 -0.55 19.07 -3.06
CA ALA B 169 0.22 19.92 -2.13
C ALA B 169 0.21 21.41 -2.48
N LEU B 170 -0.37 21.77 -3.63
CA LEU B 170 -0.38 23.17 -4.13
C LEU B 170 -1.71 23.86 -3.94
N SER B 171 -1.72 25.18 -3.85
CA SER B 171 -3.02 25.85 -3.85
C SER B 171 -3.57 25.84 -5.27
N GLU B 172 -4.89 25.82 -5.36
CA GLU B 172 -5.58 25.76 -6.64
C GLU B 172 -6.10 27.16 -6.93
N PRO B 173 -5.97 27.65 -8.18
CA PRO B 173 -5.30 27.03 -9.33
C PRO B 173 -3.78 27.18 -9.25
N PHE B 174 -3.04 26.32 -9.95
CA PHE B 174 -1.58 26.42 -10.01
C PHE B 174 -1.07 26.43 -11.45
N THR B 175 0.18 26.82 -11.64
CA THR B 175 0.78 26.79 -12.98
C THR B 175 1.52 25.49 -13.16
N LEU B 176 1.79 25.17 -14.41
CA LEU B 176 2.46 23.94 -14.72
C LEU B 176 3.94 23.92 -14.30
N PRO B 177 4.65 25.08 -14.38
CA PRO B 177 5.94 25.21 -13.71
C PRO B 177 5.94 24.96 -12.19
N GLU B 178 4.90 25.39 -11.48
CA GLU B 178 4.72 25.05 -10.06
C GLU B 178 4.65 23.54 -9.85
N LEU B 179 3.84 22.87 -10.67
CA LEU B 179 3.61 21.45 -10.58
C LEU B 179 4.91 20.70 -10.86
N GLN B 180 5.59 21.12 -11.92
CA GLN B 180 6.89 20.55 -12.27
C GLN B 180 7.87 20.68 -11.12
N HIS B 181 7.92 21.86 -10.51
CA HIS B 181 8.86 22.06 -9.41
C HIS B 181 8.60 21.18 -8.18
N VAL B 182 7.33 21.02 -7.78
CA VAL B 182 7.01 20.08 -6.69
C VAL B 182 7.49 18.68 -7.01
N HIS B 183 7.29 18.23 -8.25
CA HIS B 183 7.76 16.90 -8.66
C HIS B 183 9.31 16.80 -8.59
N GLU B 184 10.00 17.86 -9.04
CA GLU B 184 11.46 17.95 -8.95
C GLU B 184 11.94 17.87 -7.50
N VAL B 185 11.29 18.59 -6.60
CA VAL B 185 11.66 18.53 -5.17
C VAL B 185 11.56 17.09 -4.65
N LEU B 186 10.53 16.35 -5.07
CA LEU B 186 10.28 15.00 -4.59
C LEU B 186 11.26 13.99 -5.15
N LEU B 187 11.66 14.19 -6.40
CA LEU B 187 12.61 13.30 -7.05
C LEU B 187 14.04 13.71 -6.73
N GLY B 188 14.18 14.92 -6.16
CA GLY B 188 15.48 15.50 -5.81
C GLY B 188 16.34 15.83 -7.03
N LYS B 189 15.68 15.93 -8.18
CA LYS B 189 16.34 15.89 -9.46
C LYS B 189 15.60 16.81 -10.44
N PRO B 190 16.32 17.77 -11.06
CA PRO B 190 15.67 18.55 -12.13
C PRO B 190 15.05 17.61 -13.14
N ILE B 191 13.87 17.96 -13.65
CA ILE B 191 13.22 17.10 -14.64
C ILE B 191 13.04 17.82 -15.97
N GLN B 192 12.67 17.03 -16.97
CA GLN B 192 12.68 17.45 -18.35
C GLN B 192 11.35 18.12 -18.76
N GLY B 193 11.32 19.44 -18.62
CA GLY B 193 10.10 20.25 -18.81
C GLY B 193 9.11 19.88 -19.92
N LYS B 194 9.64 19.50 -21.08
CA LYS B 194 8.85 19.31 -22.29
C LYS B 194 8.30 17.89 -22.38
N SER B 195 9.06 16.92 -21.85
CA SER B 195 8.54 15.58 -21.64
C SER B 195 7.37 15.64 -20.63
N PHE B 196 7.59 16.34 -19.52
CA PHE B 196 6.60 16.47 -18.44
C PHE B 196 5.27 17.04 -18.95
N ARG B 197 5.33 18.21 -19.58
CA ARG B 197 4.19 18.83 -20.29
C ARG B 197 3.48 17.89 -21.26
N ARG B 198 4.25 17.18 -22.09
CA ARG B 198 3.71 16.13 -22.95
C ARG B 198 2.91 15.06 -22.17
N ARG B 199 3.48 14.55 -21.07
CA ARG B 199 2.78 13.56 -20.24
C ARG B 199 1.53 14.13 -19.55
N VAL B 200 1.64 15.34 -19.02
CA VAL B 200 0.49 16.02 -18.41
C VAL B 200 -0.68 16.14 -19.40
N GLU B 201 -0.42 16.70 -20.58
CA GLU B 201 -1.44 16.97 -21.59
C GLU B 201 -2.16 15.70 -22.03
N GLN B 202 -1.44 14.59 -22.04
CA GLN B 202 -2.00 13.32 -22.48
C GLN B 202 -2.76 12.57 -21.37
N ALA B 203 -2.32 12.73 -20.13
CA ALA B 203 -3.05 12.26 -18.96
C ALA B 203 -4.43 12.90 -18.94
N ASP B 204 -4.50 14.16 -19.35
CA ASP B 204 -5.77 14.82 -19.46
C ASP B 204 -6.44 14.96 -18.08
N LEU B 205 -5.64 15.45 -17.13
CA LEU B 205 -5.97 15.47 -15.70
C LEU B 205 -6.11 16.86 -15.13
N LEU B 206 -5.67 17.85 -15.88
CA LEU B 206 -5.73 19.22 -15.42
C LEU B 206 -6.84 19.95 -16.18
N ILE B 207 -7.54 20.82 -15.48
CA ILE B 207 -8.50 21.72 -16.12
C ILE B 207 -7.77 23.02 -16.30
N ASP B 208 -7.66 23.47 -17.55
CA ASP B 208 -7.17 24.82 -17.85
C ASP B 208 -8.28 25.78 -17.47
N THR B 209 -7.98 26.70 -16.58
CA THR B 209 -8.92 27.70 -16.14
C THR B 209 -9.16 28.77 -17.22
N GLY B 210 -8.17 28.95 -18.10
CA GLY B 210 -8.23 30.03 -19.06
C GLY B 210 -7.64 31.28 -18.43
N LEU B 211 -7.36 31.22 -17.14
CA LEU B 211 -6.70 32.32 -16.45
C LEU B 211 -5.19 32.25 -16.61
N LYS B 212 -4.53 33.38 -16.35
CA LYS B 212 -3.08 33.48 -16.46
C LYS B 212 -2.48 34.04 -15.18
N ARG B 213 -1.27 33.59 -14.85
CA ARG B 213 -0.48 34.20 -13.77
C ARG B 213 0.89 34.54 -14.32
N THR B 214 1.24 35.83 -14.30
CA THR B 214 2.54 36.26 -14.83
C THR B 214 3.61 36.45 -13.76
N GLY B 217 8.79 35.62 -16.24
CA GLY B 217 8.24 36.86 -16.79
C GLY B 217 7.24 36.61 -17.90
N ARG B 218 6.50 35.50 -17.78
CA ARG B 218 5.55 35.02 -18.79
C ARG B 218 4.18 34.69 -18.16
N PRO B 219 3.06 34.99 -18.88
CA PRO B 219 1.67 34.70 -18.42
C PRO B 219 1.31 33.20 -18.45
N ALA B 220 1.50 32.50 -17.32
CA ALA B 220 1.27 31.06 -17.32
C ALA B 220 -0.19 30.66 -17.04
N ASN B 221 -0.69 29.70 -17.82
CA ASN B 221 -2.01 29.07 -17.59
C ASN B 221 -2.19 28.52 -16.18
N LEU B 222 -3.35 28.81 -15.60
CA LEU B 222 -3.70 28.39 -14.25
C LEU B 222 -4.61 27.17 -14.36
N TYR B 223 -4.21 26.10 -13.67
CA TYR B 223 -4.89 24.82 -13.80
C TYR B 223 -5.45 24.35 -12.47
N CYS B 224 -6.53 23.58 -12.53
CA CYS B 224 -7.03 22.86 -11.35
C CYS B 224 -6.86 21.39 -11.63
N LEU B 225 -6.76 20.60 -10.56
CA LEU B 225 -6.83 19.16 -10.69
C LEU B 225 -8.26 18.67 -10.86
N LYS B 226 -8.46 17.81 -11.86
CA LYS B 226 -9.63 16.97 -11.92
C LYS B 226 -9.62 16.04 -10.71
N PRO B 227 -10.79 15.85 -10.06
CA PRO B 227 -10.95 14.81 -9.02
C PRO B 227 -10.18 13.51 -9.35
N ASP B 228 -10.34 12.99 -10.57
CA ASP B 228 -9.75 11.69 -10.95
C ASP B 228 -8.20 11.64 -10.98
N THR B 229 -7.55 12.78 -10.72
CA THR B 229 -6.10 12.83 -10.48
C THR B 229 -5.69 11.85 -9.38
N ALA B 230 -6.55 11.71 -8.37
CA ALA B 230 -6.27 10.94 -7.17
C ALA B 230 -5.98 9.47 -7.49
N SER B 231 -6.74 8.93 -8.44
CA SER B 231 -6.62 7.54 -8.86
C SER B 231 -5.81 7.32 -10.15
N TYR B 232 -5.63 8.36 -10.97
CA TYR B 232 -4.91 8.16 -12.24
C TYR B 232 -3.41 7.87 -12.07
N ARG B 233 -2.96 6.79 -12.71
CA ARG B 233 -1.55 6.44 -12.76
C ARG B 233 -1.03 6.26 -14.20
N PHE B 234 0.10 6.90 -14.51
CA PHE B 234 0.82 6.63 -15.76
C PHE B 234 1.41 5.24 -15.67
N LEU B 235 1.42 4.53 -16.79
CA LEU B 235 2.08 3.22 -16.87
C LEU B 235 3.62 3.32 -16.91
N ARG B 236 4.13 4.30 -17.66
CA ARG B 236 5.54 4.58 -17.72
C ARG B 236 5.94 5.64 -16.70
N ASN B 237 7.11 5.46 -16.08
CA ASN B 237 7.71 6.45 -15.18
C ASN B 237 7.98 7.79 -15.86
N LEU B 238 8.16 8.83 -15.04
CA LEU B 238 8.44 10.18 -15.51
C LEU B 238 9.84 10.31 -16.13
NA NA C . -8.33 -29.75 2.21
NA NA D . 0.79 26.73 15.00
#